data_2WK0
#
_entry.id   2WK0
#
_cell.length_a   46.988
_cell.length_b   104.479
_cell.length_c   63.740
_cell.angle_alpha   90.00
_cell.angle_beta   94.07
_cell.angle_gamma   90.00
#
_symmetry.space_group_name_H-M   'P 1 21 1'
#
loop_
_entity.id
_entity.type
_entity.pdbx_description
1 polymer BETA-LACTAMASE
2 non-polymer '(3S)-2,2-dimethyl-3,4-dihydro-2H-1,4-thiazine-3,6-dicarboxylic acid'
3 non-polymer 'CHLORIDE ION'
4 non-polymer 'SULFATE ION'
5 non-polymer ETHANOL
6 non-polymer 'CITRIC ACID'
7 water water
#
_entity_poly.entity_id   1
_entity_poly.type   'polypeptide(L)'
_entity_poly.pdbx_seq_one_letter_code
;KTEMKDDFAKLEEQFDAKLGIFALDTGTNRTVTYRPDERFAFASTIKALTVGVLLQQKSIEDLNQRITYTRDDLVNYNPI
TEKHVDTGMTLKELADASLRYSDNTAQNLILKQIGGPESLKKELRKIGDEVTNPERFEPELNEVNPGETQDTSTARALAT
SLQAFALEDKLPSEKRELLIDWMKRNTTGDALIRAGVPEGWEVADKTGAGSYGTRNDIAIIWPPKGDPVVLAVLSSRDKK
DAKYDDKLIAEATKVVVKALNMNGK
;
_entity_poly.pdbx_strand_id   A,B
#
# COMPACT_ATOMS: atom_id res chain seq x y z
N ASP A 6 7.59 1.82 -25.94
CA ASP A 6 7.72 1.89 -24.44
C ASP A 6 9.03 2.53 -23.98
N ASP A 7 8.91 3.51 -23.09
CA ASP A 7 10.02 4.32 -22.64
C ASP A 7 11.08 3.52 -21.86
N PHE A 8 10.64 2.56 -21.05
CA PHE A 8 11.59 1.75 -20.29
C PHE A 8 12.39 0.84 -21.23
N ALA A 9 11.69 0.24 -22.20
CA ALA A 9 12.35 -0.58 -23.20
C ALA A 9 13.42 0.21 -23.95
N LYS A 10 13.14 1.47 -24.29
CA LYS A 10 14.11 2.30 -25.02
C LYS A 10 15.34 2.61 -24.16
N LEU A 11 15.12 2.82 -22.86
CA LEU A 11 16.21 3.03 -21.91
C LEU A 11 17.12 1.81 -21.84
N GLU A 12 16.51 0.62 -21.83
CA GLU A 12 17.29 -0.62 -21.80
C GLU A 12 18.16 -0.71 -23.05
N GLU A 13 17.60 -0.30 -24.18
CA GLU A 13 18.33 -0.31 -25.46
C GLU A 13 19.45 0.73 -25.46
N GLN A 14 19.15 1.92 -24.95
CA GLN A 14 20.13 3.01 -24.93
C GLN A 14 21.30 2.70 -24.01
N PHE A 15 20.99 2.12 -22.84
CA PHE A 15 22.02 1.85 -21.83
C PHE A 15 22.52 0.40 -21.83
N ASP A 16 22.02 -0.40 -22.77
CA ASP A 16 22.36 -1.83 -22.82
C ASP A 16 22.38 -2.44 -21.42
N ALA A 17 21.22 -2.35 -20.79
CA ALA A 17 21.03 -2.84 -19.43
C ALA A 17 19.61 -3.32 -19.27
N LYS A 18 19.41 -4.23 -18.31
CA LYS A 18 18.10 -4.70 -17.91
C LYS A 18 17.64 -3.82 -16.74
N LEU A 19 16.39 -3.34 -16.80
CA LEU A 19 15.79 -2.49 -15.75
C LEU A 19 14.72 -3.22 -14.96
N GLY A 20 14.71 -3.00 -13.65
CA GLY A 20 13.65 -3.48 -12.75
C GLY A 20 13.05 -2.29 -12.03
N ILE A 21 11.75 -2.05 -12.24
CA ILE A 21 11.08 -0.88 -11.68
C ILE A 21 9.85 -1.28 -10.88
N PHE A 22 9.74 -0.77 -9.66
CA PHE A 22 8.47 -0.75 -8.94
C PHE A 22 8.30 0.59 -8.23
N ALA A 23 7.19 1.26 -8.53
CA ALA A 23 6.85 2.52 -7.89
C ALA A 23 5.39 2.49 -7.47
N LEU A 24 5.14 2.97 -6.24
CA LEU A 24 3.78 3.02 -5.71
C LEU A 24 3.51 4.41 -5.15
N ASP A 25 2.44 5.02 -5.62
CA ASP A 25 1.92 6.22 -4.98
C ASP A 25 1.04 5.75 -3.83
N THR A 26 1.50 6.00 -2.60
CA THR A 26 0.78 5.50 -1.42
C THR A 26 -0.56 6.20 -1.18
N GLY A 27 -0.76 7.35 -1.81
CA GLY A 27 -2.03 8.07 -1.72
C GLY A 27 -3.12 7.55 -2.64
N THR A 28 -2.72 6.97 -3.77
CA THR A 28 -3.69 6.56 -4.79
C THR A 28 -3.67 5.07 -5.13
N ASN A 29 -2.60 4.38 -4.75
CA ASN A 29 -2.40 2.98 -5.18
C ASN A 29 -2.15 2.84 -6.68
N ARG A 30 -1.78 3.95 -7.32
CA ARG A 30 -1.29 3.92 -8.70
C ARG A 30 0.13 3.39 -8.66
N THR A 31 0.47 2.51 -9.60
CA THR A 31 1.82 1.96 -9.66
C THR A 31 2.44 2.18 -11.04
N VAL A 32 3.78 2.16 -11.07
CA VAL A 32 4.52 2.05 -12.31
C VAL A 32 5.43 0.84 -12.12
N THR A 33 5.35 -0.09 -13.06
CA THR A 33 6.12 -1.33 -12.97
C THR A 33 6.79 -1.65 -14.30
N TYR A 34 7.95 -2.29 -14.21
CA TYR A 34 8.64 -2.81 -15.39
C TYR A 34 9.60 -3.89 -14.89
N ARG A 35 9.38 -5.13 -15.34
CA ARG A 35 10.10 -6.28 -14.78
C ARG A 35 10.13 -6.21 -13.24
N PRO A 36 8.97 -5.96 -12.59
CA PRO A 36 8.98 -5.68 -11.14
C PRO A 36 9.35 -6.91 -10.29
N ASP A 37 9.23 -8.09 -10.88
CA ASP A 37 9.50 -9.34 -10.17
C ASP A 37 10.74 -10.06 -10.69
N GLU A 38 11.56 -9.34 -11.45
CA GLU A 38 12.82 -9.86 -11.95
C GLU A 38 13.86 -9.68 -10.85
N ARG A 39 14.64 -10.74 -10.60
CA ARG A 39 15.69 -10.67 -9.60
C ARG A 39 16.95 -9.94 -10.07
N PHE A 40 17.50 -9.15 -9.14
CA PHE A 40 18.78 -8.45 -9.32
C PHE A 40 19.54 -8.60 -8.01
N ALA A 41 20.87 -8.58 -8.08
CA ALA A 41 21.70 -8.48 -6.90
C ALA A 41 21.31 -7.17 -6.20
N PHE A 42 21.01 -7.22 -4.91
CA PHE A 42 20.59 -5.98 -4.23
C PHE A 42 21.78 -5.06 -3.91
N ALA A 43 22.97 -5.64 -3.79
CA ALA A 43 24.19 -4.92 -3.43
C ALA A 43 23.94 -4.06 -2.18
N SER A 44 24.46 -2.84 -2.15
CA SER A 44 24.39 -2.01 -0.91
C SER A 44 22.99 -1.56 -0.45
N THR A 45 21.98 -1.74 -1.30
CA THR A 45 20.63 -1.38 -0.90
C THR A 45 20.20 -2.15 0.34
N ILE A 46 20.76 -3.35 0.53
CA ILE A 46 20.44 -4.15 1.71
C ILE A 46 20.73 -3.40 3.03
N LYS A 47 21.64 -2.44 2.97
CA LYS A 47 22.00 -1.66 4.17
C LYS A 47 20.79 -0.93 4.78
N ALA A 48 19.86 -0.51 3.93
CA ALA A 48 18.66 0.17 4.38
C ALA A 48 17.75 -0.78 5.15
N LEU A 49 17.55 -1.98 4.61
CA LEU A 49 16.70 -2.97 5.30
C LEU A 49 17.37 -3.48 6.57
N THR A 50 18.70 -3.52 6.55
CA THR A 50 19.45 -3.96 7.72
C THR A 50 19.27 -3.00 8.91
N VAL A 51 19.34 -1.69 8.63
CA VAL A 51 19.05 -0.67 9.67
C VAL A 51 17.56 -0.76 10.11
N GLY A 52 16.66 -1.03 9.17
CA GLY A 52 15.26 -1.27 9.50
C GLY A 52 15.14 -2.34 10.60
N VAL A 53 15.78 -3.49 10.38
CA VAL A 53 15.73 -4.56 11.38
C VAL A 53 16.47 -4.17 12.69
N LEU A 54 17.61 -3.50 12.58
CA LEU A 54 18.31 -2.97 13.76
C LEU A 54 17.37 -2.13 14.63
N LEU A 55 16.63 -1.23 13.98
CA LEU A 55 15.71 -0.35 14.69
C LEU A 55 14.51 -1.09 15.32
N GLN A 56 14.11 -2.21 14.72
CA GLN A 56 13.09 -3.08 15.35
C GLN A 56 13.57 -3.62 16.69
N GLN A 57 14.87 -3.84 16.82
CA GLN A 57 15.44 -4.59 17.95
C GLN A 57 16.12 -3.74 19.02
N LYS A 58 16.60 -2.56 18.62
CA LYS A 58 17.36 -1.68 19.50
C LYS A 58 16.55 -0.47 19.92
N SER A 59 16.63 -0.14 21.21
CA SER A 59 16.11 1.14 21.70
C SER A 59 17.03 2.27 21.25
N ILE A 60 16.57 3.51 21.36
CA ILE A 60 17.41 4.67 21.03
C ILE A 60 18.69 4.72 21.86
N GLU A 61 18.58 4.49 23.18
CA GLU A 61 19.76 4.45 24.04
C GLU A 61 20.69 3.28 23.71
N ASP A 62 20.12 2.14 23.28
CA ASP A 62 20.92 1.01 22.78
C ASP A 62 21.85 1.44 21.64
N LEU A 63 21.41 2.40 20.84
CA LEU A 63 22.20 2.89 19.71
C LEU A 63 23.44 3.68 20.15
N ASN A 64 23.47 4.08 21.42
CA ASN A 64 24.64 4.74 22.00
C ASN A 64 25.79 3.79 22.37
N GLN A 65 25.53 2.48 22.37
CA GLN A 65 26.55 1.48 22.69
C GLN A 65 27.74 1.65 21.76
N ARG A 66 28.94 1.74 22.35
CA ARG A 66 30.17 1.84 21.57
C ARG A 66 30.63 0.46 21.12
N ILE A 67 30.79 0.32 19.80
CA ILE A 67 31.28 -0.92 19.20
C ILE A 67 32.78 -0.79 18.91
N THR A 68 33.56 -1.68 19.51
CA THR A 68 34.99 -1.73 19.28
C THR A 68 35.27 -2.72 18.15
N TYR A 69 36.21 -2.35 17.27
CA TYR A 69 36.61 -3.22 16.16
C TYR A 69 38.09 -2.97 15.86
N THR A 70 38.68 -3.82 15.03
CA THR A 70 40.10 -3.74 14.73
C THR A 70 40.34 -3.52 13.25
N ARG A 71 41.59 -3.23 12.91
CA ARG A 71 42.04 -3.10 11.52
C ARG A 71 41.66 -4.35 10.72
N ASP A 72 41.64 -5.50 11.40
CA ASP A 72 41.22 -6.78 10.82
C ASP A 72 39.74 -6.88 10.46
N ASP A 73 38.89 -6.13 11.15
CA ASP A 73 37.46 -6.09 10.83
C ASP A 73 37.20 -5.32 9.54
N LEU A 74 38.09 -4.40 9.20
CA LEU A 74 37.93 -3.57 8.02
C LEU A 74 37.93 -4.39 6.73
N VAL A 75 36.96 -4.12 5.86
CA VAL A 75 36.93 -4.79 4.56
C VAL A 75 37.45 -3.85 3.45
N ASN A 76 36.72 -3.70 2.34
CA ASN A 76 37.26 -3.05 1.14
C ASN A 76 36.84 -1.59 0.91
N TYR A 77 35.89 -1.11 1.70
CA TYR A 77 35.27 0.21 1.48
C TYR A 77 34.77 0.74 2.81
N ASN A 78 35.65 1.46 3.50
CA ASN A 78 35.46 1.80 4.91
C ASN A 78 35.67 3.30 5.15
N PRO A 79 34.93 4.16 4.41
CA PRO A 79 35.26 5.59 4.43
C PRO A 79 35.20 6.19 5.83
N ILE A 80 34.24 5.78 6.65
CA ILE A 80 34.18 6.30 8.02
C ILE A 80 34.87 5.38 9.03
N THR A 81 34.55 4.08 8.96
CA THR A 81 35.04 3.13 9.95
C THR A 81 36.57 3.08 10.05
N GLU A 82 37.25 3.27 8.92
CA GLU A 82 38.72 3.19 8.90
C GLU A 82 39.38 4.33 9.67
N LYS A 83 38.62 5.40 9.94
CA LYS A 83 39.12 6.58 10.63
C LYS A 83 38.86 6.56 12.14
N HIS A 84 38.29 5.44 12.62
CA HIS A 84 37.89 5.34 14.03
C HIS A 84 38.23 4.00 14.66
N VAL A 85 39.17 3.27 14.08
CA VAL A 85 39.62 1.96 14.61
C VAL A 85 40.00 2.05 16.09
N ASP A 86 40.78 3.06 16.44
CA ASP A 86 41.34 3.16 17.79
C ASP A 86 40.32 3.56 18.86
N THR A 87 39.23 4.20 18.44
CA THR A 87 38.24 4.73 19.38
C THR A 87 36.90 4.00 19.33
N GLY A 88 36.67 3.26 18.24
CA GLY A 88 35.38 2.64 18.02
C GLY A 88 34.35 3.63 17.54
N MET A 89 33.14 3.14 17.32
CA MET A 89 32.00 3.95 16.91
C MET A 89 30.76 3.43 17.61
N THR A 90 29.82 4.32 17.90
CA THR A 90 28.54 3.90 18.46
C THR A 90 27.70 3.25 17.37
N LEU A 91 26.72 2.44 17.76
CA LEU A 91 25.82 1.85 16.78
C LEU A 91 25.13 2.90 15.92
N LYS A 92 24.78 4.03 16.54
CA LYS A 92 24.13 5.14 15.83
C LYS A 92 25.06 5.67 14.75
N GLU A 93 26.32 5.88 15.12
CA GLU A 93 27.33 6.36 14.16
C GLU A 93 27.58 5.36 13.03
N LEU A 94 27.54 4.08 13.36
CA LEU A 94 27.66 3.01 12.37
C LEU A 94 26.48 3.01 11.40
N ALA A 95 25.27 3.21 11.92
CA ALA A 95 24.08 3.29 11.07
C ALA A 95 24.18 4.47 10.11
N ASP A 96 24.65 5.60 10.63
CA ASP A 96 24.86 6.80 9.83
C ASP A 96 25.87 6.52 8.70
N ALA A 97 27.02 5.94 9.04
CA ALA A 97 28.05 5.63 8.04
C ALA A 97 27.57 4.61 7.00
N SER A 98 26.87 3.58 7.47
CA SER A 98 26.35 2.57 6.56
C SER A 98 25.38 3.16 5.54
N LEU A 99 24.40 3.92 6.03
CA LEU A 99 23.35 4.46 5.18
C LEU A 99 23.84 5.61 4.30
N ARG A 100 24.65 6.51 4.87
CA ARG A 100 24.97 7.74 4.16
C ARG A 100 26.25 7.69 3.34
N TYR A 101 27.17 6.80 3.74
CA TYR A 101 28.41 6.59 2.99
C TYR A 101 28.55 5.20 2.34
N SER A 102 27.61 4.30 2.62
CA SER A 102 27.69 2.91 2.15
C SER A 102 28.94 2.19 2.70
N ASP A 103 29.32 2.57 3.91
CA ASP A 103 30.47 1.99 4.59
C ASP A 103 30.22 0.50 4.83
N ASN A 104 31.08 -0.34 4.25
CA ASN A 104 30.91 -1.80 4.26
C ASN A 104 31.19 -2.43 5.61
N THR A 105 32.21 -1.92 6.30
CA THR A 105 32.49 -2.41 7.64
C THR A 105 31.34 -2.08 8.57
N ALA A 106 30.77 -0.87 8.45
CA ALA A 106 29.61 -0.48 9.24
C ALA A 106 28.44 -1.45 9.04
N GLN A 107 28.13 -1.77 7.78
CA GLN A 107 27.08 -2.75 7.48
C GLN A 107 27.35 -4.09 8.16
N ASN A 108 28.60 -4.55 8.04
CA ASN A 108 28.99 -5.84 8.63
C ASN A 108 28.85 -5.89 10.13
N LEU A 109 29.26 -4.82 10.80
CA LEU A 109 29.13 -4.75 12.25
C LEU A 109 27.67 -4.70 12.69
N ILE A 110 26.85 -3.96 11.96
CA ILE A 110 25.41 -3.91 12.22
C ILE A 110 24.78 -5.28 11.99
N LEU A 111 25.17 -5.94 10.89
CA LEU A 111 24.66 -7.27 10.59
C LEU A 111 24.89 -8.25 11.75
N LYS A 112 26.10 -8.20 12.32
CA LYS A 112 26.44 -9.06 13.47
C LYS A 112 25.50 -8.79 14.64
N GLN A 113 25.18 -7.50 14.86
CA GLN A 113 24.30 -7.10 15.97
C GLN A 113 22.88 -7.67 15.87
N ILE A 114 22.43 -7.95 14.66
CA ILE A 114 21.08 -8.51 14.47
C ILE A 114 21.09 -10.01 14.18
N GLY A 115 22.26 -10.62 14.29
CA GLY A 115 22.40 -12.06 14.17
C GLY A 115 22.82 -12.57 12.80
N GLY A 116 23.27 -11.66 11.94
CA GLY A 116 23.80 -12.04 10.64
C GLY A 116 22.76 -12.22 9.55
N PRO A 117 23.23 -12.56 8.33
CA PRO A 117 22.35 -12.64 7.15
C PRO A 117 21.12 -13.52 7.35
N GLU A 118 21.29 -14.69 7.96
CA GLU A 118 20.17 -15.60 8.21
C GLU A 118 19.09 -14.95 9.06
N SER A 119 19.51 -14.25 10.11
CA SER A 119 18.58 -13.55 10.98
C SER A 119 17.90 -12.42 10.24
N LEU A 120 18.67 -11.64 9.47
CA LEU A 120 18.11 -10.62 8.61
C LEU A 120 17.01 -11.22 7.71
N LYS A 121 17.31 -12.35 7.07
CA LYS A 121 16.33 -13.01 6.20
C LYS A 121 15.06 -13.37 6.98
N LYS A 122 15.22 -14.00 8.14
CA LYS A 122 14.08 -14.38 8.98
C LYS A 122 13.20 -13.18 9.36
N GLU A 123 13.84 -12.07 9.73
CA GLU A 123 13.10 -10.85 10.09
C GLU A 123 12.37 -10.23 8.90
N LEU A 124 12.97 -10.31 7.71
CA LEU A 124 12.29 -9.86 6.48
C LEU A 124 11.10 -10.77 6.15
N ARG A 125 11.27 -12.09 6.32
CA ARG A 125 10.16 -13.01 6.10
C ARG A 125 9.00 -12.65 7.04
N LYS A 126 9.32 -12.25 8.26
CA LYS A 126 8.30 -11.95 9.27
C LYS A 126 7.42 -10.75 8.90
N ILE A 127 8.00 -9.79 8.16
CA ILE A 127 7.25 -8.61 7.73
C ILE A 127 6.59 -8.80 6.36
N GLY A 128 6.70 -10.01 5.80
CA GLY A 128 6.00 -10.37 4.57
C GLY A 128 6.86 -10.37 3.31
N ASP A 129 8.16 -10.16 3.48
CA ASP A 129 9.09 -10.22 2.35
C ASP A 129 9.57 -11.66 2.15
N GLU A 130 8.98 -12.35 1.19
CA GLU A 130 9.33 -13.74 0.88
C GLU A 130 10.34 -13.89 -0.26
N VAL A 131 10.95 -12.76 -0.65
CA VAL A 131 11.78 -12.68 -1.86
C VAL A 131 13.25 -12.39 -1.55
N THR A 132 13.49 -11.30 -0.82
CA THR A 132 14.86 -10.86 -0.50
C THR A 132 15.63 -11.99 0.18
N ASN A 133 16.82 -12.29 -0.34
CA ASN A 133 17.53 -13.51 0.07
C ASN A 133 18.96 -13.21 0.53
N PRO A 134 19.13 -12.56 1.71
CA PRO A 134 20.49 -12.22 2.16
C PRO A 134 21.25 -13.47 2.63
N GLU A 135 22.50 -13.62 2.17
CA GLU A 135 23.33 -14.75 2.59
C GLU A 135 24.70 -14.33 3.06
N ARG A 136 25.15 -13.16 2.62
CA ARG A 136 26.55 -12.77 2.81
C ARG A 136 26.75 -11.39 3.41
N PHE A 137 27.98 -11.13 3.86
CA PHE A 137 28.43 -9.84 4.32
C PHE A 137 28.97 -9.04 3.13
N GLU A 138 29.33 -7.78 3.38
CA GLU A 138 29.97 -6.93 2.35
C GLU A 138 31.49 -7.16 2.38
N PRO A 139 32.14 -7.09 1.19
CA PRO A 139 31.59 -6.85 -0.15
C PRO A 139 31.18 -8.10 -0.93
N GLU A 140 31.37 -9.30 -0.38
CA GLU A 140 31.07 -10.51 -1.15
C GLU A 140 29.64 -10.56 -1.68
N LEU A 141 28.71 -10.03 -0.90
CA LEU A 141 27.29 -10.01 -1.33
C LEU A 141 27.07 -9.28 -2.68
N ASN A 142 27.95 -8.34 -3.03
CA ASN A 142 27.78 -7.53 -4.25
C ASN A 142 27.95 -8.36 -5.54
N GLU A 143 28.54 -9.55 -5.40
CA GLU A 143 28.92 -10.39 -6.55
C GLU A 143 27.98 -11.57 -6.70
N VAL A 144 27.05 -11.43 -7.64
CA VAL A 144 26.05 -12.46 -7.91
C VAL A 144 26.12 -12.80 -9.39
N ASN A 145 26.14 -14.09 -9.69
CA ASN A 145 26.20 -14.54 -11.09
C ASN A 145 24.82 -14.80 -11.68
N PRO A 146 24.70 -14.79 -13.03
CA PRO A 146 23.38 -14.93 -13.66
C PRO A 146 22.67 -16.19 -13.19
N GLY A 147 21.39 -16.05 -12.84
CA GLY A 147 20.59 -17.19 -12.42
C GLY A 147 20.55 -17.40 -10.91
N GLU A 148 21.55 -16.86 -10.21
CA GLU A 148 21.64 -17.06 -8.76
C GLU A 148 20.60 -16.22 -8.04
N THR A 149 20.08 -16.74 -6.92
CA THR A 149 19.17 -15.96 -6.07
C THR A 149 19.85 -15.47 -4.79
N GLN A 150 21.03 -16.01 -4.47
CA GLN A 150 21.71 -15.50 -3.28
C GLN A 150 21.95 -14.00 -3.39
N ASP A 151 21.68 -13.30 -2.29
CA ASP A 151 21.85 -11.85 -2.20
C ASP A 151 21.11 -11.06 -3.29
N THR A 152 19.96 -11.60 -3.67
CA THR A 152 19.10 -10.90 -4.64
C THR A 152 17.74 -10.56 -4.05
N SER A 153 17.06 -9.64 -4.72
CA SER A 153 15.66 -9.37 -4.45
C SER A 153 15.05 -8.83 -5.73
N THR A 154 13.85 -8.28 -5.65
CA THR A 154 13.18 -7.71 -6.80
C THR A 154 12.83 -6.27 -6.48
N ALA A 155 12.52 -5.50 -7.52
CA ALA A 155 12.08 -4.13 -7.33
C ALA A 155 10.85 -4.07 -6.43
N ARG A 156 9.88 -4.95 -6.69
CA ARG A 156 8.67 -4.99 -5.87
C ARG A 156 8.99 -5.27 -4.40
N ALA A 157 9.83 -6.26 -4.13
CA ALA A 157 10.09 -6.66 -2.74
C ALA A 157 10.94 -5.63 -1.98
N LEU A 158 11.97 -5.09 -2.64
CA LEU A 158 12.80 -4.05 -2.00
C LEU A 158 11.97 -2.80 -1.68
N ALA A 159 11.12 -2.40 -2.62
CA ALA A 159 10.26 -1.23 -2.42
C ALA A 159 9.31 -1.49 -1.24
N THR A 160 8.69 -2.66 -1.25
CA THR A 160 7.70 -3.02 -0.23
C THR A 160 8.33 -3.10 1.17
N SER A 161 9.53 -3.67 1.26
CA SER A 161 10.23 -3.75 2.54
C SER A 161 10.69 -2.37 3.02
N LEU A 162 11.18 -1.54 2.10
CA LEU A 162 11.51 -0.18 2.47
C LEU A 162 10.28 0.58 2.98
N GLN A 163 9.18 0.44 2.25
CA GLN A 163 7.89 1.00 2.66
C GLN A 163 7.48 0.55 4.07
N ALA A 164 7.68 -0.74 4.33
CA ALA A 164 7.29 -1.35 5.61
C ALA A 164 7.99 -0.67 6.78
N PHE A 165 9.30 -0.44 6.63
CA PHE A 165 10.07 0.17 7.72
C PHE A 165 9.91 1.67 7.82
N ALA A 166 9.87 2.35 6.67
CA ALA A 166 9.90 3.82 6.66
C ALA A 166 8.53 4.46 6.82
N LEU A 167 7.47 3.76 6.37
CA LEU A 167 6.14 4.37 6.26
C LEU A 167 5.05 3.67 7.08
N GLU A 168 5.27 2.41 7.42
CA GLU A 168 4.26 1.60 8.08
C GLU A 168 4.63 1.32 9.53
N ASP A 169 3.79 0.57 10.23
CA ASP A 169 3.94 0.40 11.67
C ASP A 169 4.97 -0.66 12.10
N LYS A 170 5.80 -1.11 11.17
CA LYS A 170 6.89 -2.04 11.48
C LYS A 170 7.88 -1.40 12.46
N LEU A 171 7.94 -0.08 12.40
CA LEU A 171 8.72 0.74 13.34
C LEU A 171 7.83 1.82 13.93
N PRO A 172 8.04 2.20 15.20
CA PRO A 172 7.29 3.33 15.74
C PRO A 172 7.79 4.64 15.13
N SER A 173 6.97 5.69 15.20
CA SER A 173 7.20 6.93 14.46
C SER A 173 8.60 7.55 14.64
N GLU A 174 9.11 7.58 15.88
CA GLU A 174 10.43 8.17 16.09
C GLU A 174 11.55 7.42 15.38
N LYS A 175 11.43 6.09 15.33
CA LYS A 175 12.40 5.26 14.62
C LYS A 175 12.24 5.35 13.11
N ARG A 176 10.99 5.46 12.62
CA ARG A 176 10.76 5.75 11.20
C ARG A 176 11.44 7.06 10.83
N GLU A 177 11.28 8.07 11.68
CA GLU A 177 11.90 9.37 11.46
C GLU A 177 13.42 9.29 11.37
N LEU A 178 14.03 8.46 12.23
CA LEU A 178 15.49 8.30 12.23
C LEU A 178 15.96 7.72 10.89
N LEU A 179 15.28 6.66 10.46
CA LEU A 179 15.62 5.99 9.23
C LEU A 179 15.50 6.97 8.05
N ILE A 180 14.37 7.66 7.99
CA ILE A 180 14.12 8.63 6.93
C ILE A 180 15.18 9.74 6.92
N ASP A 181 15.52 10.24 8.11
CA ASP A 181 16.48 11.35 8.19
C ASP A 181 17.84 10.92 7.66
N TRP A 182 18.28 9.71 8.02
CA TRP A 182 19.57 9.23 7.55
C TRP A 182 19.52 9.13 6.03
N MET A 183 18.44 8.55 5.50
CA MET A 183 18.33 8.31 4.06
C MET A 183 18.18 9.63 3.27
N LYS A 184 17.48 10.60 3.85
CA LYS A 184 17.36 11.92 3.22
C LYS A 184 18.73 12.56 3.03
N ARG A 185 19.63 12.25 3.97
CA ARG A 185 20.96 12.84 4.00
C ARG A 185 22.05 11.94 3.39
N ASN A 186 21.62 10.97 2.59
CA ASN A 186 22.55 10.09 1.88
C ASN A 186 23.49 10.94 1.03
N THR A 187 24.77 10.55 0.98
CA THR A 187 25.75 11.28 0.17
C THR A 187 26.00 10.68 -1.22
N THR A 188 25.53 9.45 -1.45
CA THR A 188 25.98 8.65 -2.61
C THR A 188 25.00 8.63 -3.79
N GLY A 189 23.87 9.32 -3.66
CA GLY A 189 22.79 9.14 -4.65
C GLY A 189 22.44 10.37 -5.46
N ASP A 190 23.34 11.35 -5.53
CA ASP A 190 23.02 12.62 -6.21
C ASP A 190 22.70 12.46 -7.69
N ALA A 191 23.27 11.45 -8.33
CA ALA A 191 23.14 11.25 -9.79
C ALA A 191 22.05 10.23 -10.17
N LEU A 192 21.30 9.77 -9.19
CA LEU A 192 20.38 8.65 -9.39
C LEU A 192 18.94 9.13 -9.27
N ILE A 193 18.14 8.57 -8.36
CA ILE A 193 16.75 9.03 -8.19
C ILE A 193 16.65 10.53 -7.96
N ARG A 194 17.56 11.08 -7.15
CA ARG A 194 17.58 12.52 -6.87
C ARG A 194 17.66 13.37 -8.13
N ALA A 195 18.38 12.85 -9.13
CA ALA A 195 18.60 13.55 -10.39
C ALA A 195 17.44 13.39 -11.39
N GLY A 196 16.46 12.57 -11.02
CA GLY A 196 15.29 12.32 -11.86
C GLY A 196 13.97 12.83 -11.34
N VAL A 197 13.98 13.51 -10.20
CA VAL A 197 12.77 14.11 -9.65
C VAL A 197 12.73 15.63 -9.87
N PRO A 198 11.53 16.21 -9.95
CA PRO A 198 11.38 17.65 -10.10
C PRO A 198 11.88 18.43 -8.90
N GLU A 199 12.11 19.73 -9.09
CA GLU A 199 12.45 20.62 -7.98
C GLU A 199 11.38 20.55 -6.90
N GLY A 200 11.79 20.61 -5.64
CA GLY A 200 10.86 20.63 -4.52
C GLY A 200 10.47 19.26 -3.98
N TRP A 201 10.86 18.21 -4.68
CA TRP A 201 10.63 16.84 -4.22
C TRP A 201 11.73 16.42 -3.24
N GLU A 202 11.34 15.83 -2.10
CA GLU A 202 12.29 15.35 -1.12
C GLU A 202 12.55 13.88 -1.35
N VAL A 203 13.80 13.46 -1.20
CA VAL A 203 14.21 12.09 -1.52
C VAL A 203 14.99 11.49 -0.36
N ALA A 204 14.60 10.28 0.04
CA ALA A 204 15.35 9.50 1.02
C ALA A 204 15.74 8.19 0.32
N ASP A 205 17.02 8.03 -0.02
CA ASP A 205 17.41 6.90 -0.86
C ASP A 205 18.59 6.12 -0.31
N LYS A 206 18.73 4.90 -0.80
CA LYS A 206 19.94 4.10 -0.60
C LYS A 206 20.33 3.46 -1.92
N THR A 207 21.59 3.65 -2.29
CA THR A 207 22.17 3.18 -3.56
C THR A 207 22.80 1.79 -3.41
N GLY A 208 23.09 1.17 -4.56
CA GLY A 208 23.90 -0.03 -4.57
C GLY A 208 24.61 -0.14 -5.90
N ALA A 209 25.74 -0.83 -5.92
CA ALA A 209 26.44 -1.17 -7.16
C ALA A 209 27.03 -2.57 -6.97
N GLY A 210 26.93 -3.40 -8.01
CA GLY A 210 27.41 -4.78 -7.89
C GLY A 210 27.98 -5.32 -9.19
N SER A 211 28.34 -6.61 -9.20
CA SER A 211 28.86 -7.24 -10.41
C SER A 211 27.84 -7.22 -11.53
N TYR A 212 28.31 -7.50 -12.76
CA TYR A 212 27.49 -7.40 -13.96
C TYR A 212 26.88 -6.00 -14.11
N GLY A 213 27.65 -5.00 -13.70
CA GLY A 213 27.24 -3.60 -13.84
C GLY A 213 25.92 -3.30 -13.16
N THR A 214 25.66 -3.99 -12.06
CA THR A 214 24.45 -3.77 -11.28
C THR A 214 24.46 -2.38 -10.65
N ARG A 215 23.39 -1.62 -10.87
CA ARG A 215 23.30 -0.26 -10.33
C ARG A 215 21.88 -0.01 -9.85
N ASN A 216 21.74 0.17 -8.55
CA ASN A 216 20.42 0.26 -7.94
C ASN A 216 20.25 1.53 -7.12
N ASP A 217 18.99 1.94 -6.96
CA ASP A 217 18.65 2.97 -5.99
C ASP A 217 17.22 2.68 -5.50
N ILE A 218 17.02 2.69 -4.19
CA ILE A 218 15.68 2.52 -3.61
C ILE A 218 15.37 3.74 -2.76
N ALA A 219 14.12 4.18 -2.76
CA ALA A 219 13.82 5.48 -2.16
C ALA A 219 12.37 5.63 -1.73
N ILE A 220 12.17 6.51 -0.76
CA ILE A 220 10.87 7.15 -0.58
C ILE A 220 11.02 8.57 -1.09
N ILE A 221 10.06 9.02 -1.90
CA ILE A 221 10.08 10.38 -2.43
C ILE A 221 8.77 11.12 -2.12
N TRP A 222 8.88 12.39 -1.73
CA TRP A 222 7.71 13.19 -1.40
C TRP A 222 7.56 14.33 -2.39
N PRO A 223 6.39 14.41 -3.06
CA PRO A 223 6.07 15.60 -3.84
C PRO A 223 5.87 16.78 -2.88
N PRO A 224 5.79 18.01 -3.40
CA PRO A 224 5.55 19.17 -2.55
C PRO A 224 4.28 19.01 -1.70
N LYS A 225 3.22 18.52 -2.32
CA LYS A 225 1.97 18.25 -1.62
C LYS A 225 1.61 16.75 -1.70
N GLY A 226 1.07 16.24 -0.59
CA GLY A 226 0.50 14.90 -0.59
C GLY A 226 1.43 13.74 -0.27
N ASP A 227 0.88 12.55 -0.41
CA ASP A 227 1.49 11.31 0.08
C ASP A 227 2.77 10.88 -0.65
N PRO A 228 3.68 10.19 0.07
CA PRO A 228 4.93 9.73 -0.51
C PRO A 228 4.79 8.63 -1.57
N VAL A 229 5.79 8.57 -2.44
CA VAL A 229 5.92 7.53 -3.44
C VAL A 229 7.09 6.65 -3.04
N VAL A 230 6.88 5.35 -3.05
CA VAL A 230 7.98 4.41 -2.79
C VAL A 230 8.47 3.86 -4.12
N LEU A 231 9.78 3.82 -4.33
CA LEU A 231 10.35 3.52 -5.64
C LEU A 231 11.61 2.66 -5.51
N ALA A 232 11.68 1.60 -6.30
CA ALA A 232 12.92 0.83 -6.45
C ALA A 232 13.27 0.84 -7.93
N VAL A 233 14.50 1.26 -8.24
CA VAL A 233 15.01 1.21 -9.61
C VAL A 233 16.27 0.37 -9.58
N LEU A 234 16.18 -0.82 -10.18
CA LEU A 234 17.29 -1.77 -10.21
C LEU A 234 17.76 -1.94 -11.64
N SER A 235 19.02 -2.32 -11.81
CA SER A 235 19.57 -2.56 -13.15
C SER A 235 20.77 -3.51 -13.12
N SER A 236 20.96 -4.21 -14.23
CA SER A 236 22.15 -5.04 -14.41
C SER A 236 22.45 -5.14 -15.90
N ARG A 237 23.62 -5.69 -16.21
CA ARG A 237 24.11 -5.75 -17.59
C ARG A 237 24.66 -7.14 -17.94
N ASP A 238 25.02 -7.32 -19.22
CA ASP A 238 25.40 -8.64 -19.73
C ASP A 238 26.75 -9.17 -19.22
N LYS A 239 27.73 -8.28 -19.11
CA LYS A 239 29.11 -8.70 -18.84
C LYS A 239 29.50 -8.53 -17.38
N LYS A 240 30.22 -9.51 -16.84
CA LYS A 240 30.58 -9.51 -15.42
C LYS A 240 31.27 -8.22 -14.98
N ASP A 241 32.14 -7.70 -15.83
CA ASP A 241 32.96 -6.53 -15.52
C ASP A 241 32.39 -5.23 -16.11
N ALA A 242 31.13 -5.27 -16.50
CA ALA A 242 30.47 -4.10 -17.07
C ALA A 242 30.49 -2.90 -16.13
N LYS A 243 30.69 -1.73 -16.72
CA LYS A 243 30.54 -0.47 -16.01
C LYS A 243 29.08 -0.02 -16.12
N TYR A 244 28.58 0.68 -15.12
CA TYR A 244 27.21 1.19 -15.17
C TYR A 244 27.23 2.68 -15.51
N ASP A 245 26.07 3.20 -15.86
CA ASP A 245 25.89 4.64 -16.10
C ASP A 245 24.74 5.08 -15.22
N ASP A 246 25.03 5.97 -14.26
CA ASP A 246 24.03 6.52 -13.34
C ASP A 246 22.82 7.13 -14.06
N LYS A 247 23.05 7.70 -15.25
CA LYS A 247 21.97 8.33 -16.03
C LYS A 247 20.80 7.41 -16.31
N LEU A 248 21.05 6.10 -16.40
CA LEU A 248 19.96 5.15 -16.58
C LEU A 248 18.92 5.27 -15.46
N ILE A 249 19.40 5.38 -14.23
CA ILE A 249 18.52 5.45 -13.06
C ILE A 249 17.80 6.81 -13.01
N ALA A 250 18.55 7.88 -13.27
CA ALA A 250 17.97 9.23 -13.35
C ALA A 250 16.85 9.28 -14.40
N GLU A 251 17.12 8.75 -15.59
CA GLU A 251 16.15 8.78 -16.69
C GLU A 251 14.93 7.89 -16.40
N ALA A 252 15.17 6.70 -15.84
CA ALA A 252 14.08 5.80 -15.43
C ALA A 252 13.14 6.47 -14.42
N THR A 253 13.74 7.19 -13.47
CA THR A 253 12.98 7.95 -12.48
C THR A 253 12.11 9.02 -13.13
N LYS A 254 12.64 9.72 -14.14
CA LYS A 254 11.86 10.73 -14.85
C LYS A 254 10.63 10.11 -15.51
N VAL A 255 10.79 8.90 -16.05
CA VAL A 255 9.68 8.16 -16.66
C VAL A 255 8.61 7.82 -15.63
N VAL A 256 9.04 7.30 -14.49
CA VAL A 256 8.14 6.98 -13.38
C VAL A 256 7.36 8.22 -12.96
N VAL A 257 8.09 9.42 -12.77
CA VAL A 257 7.49 10.69 -12.35
C VAL A 257 6.41 11.16 -13.34
N LYS A 258 6.69 11.04 -14.70
CA LYS A 258 5.73 11.41 -15.74
C LYS A 258 4.50 10.52 -15.67
N ALA A 259 4.72 9.21 -15.46
CA ALA A 259 3.64 8.25 -15.46
C ALA A 259 2.70 8.40 -14.27
N LEU A 260 3.24 8.86 -13.15
CA LEU A 260 2.43 9.07 -11.95
C LEU A 260 1.72 10.43 -11.95
N ASN A 261 2.13 11.37 -12.62
N ASP B 6 -8.69 -12.65 -21.35
CA ASP B 6 -8.70 -12.51 -19.87
C ASP B 6 -9.92 -13.24 -19.33
N ASP B 7 -9.79 -13.81 -18.14
CA ASP B 7 -10.93 -14.42 -17.45
C ASP B 7 -11.98 -13.36 -17.12
N PHE B 8 -11.54 -12.14 -16.84
CA PHE B 8 -12.47 -11.03 -16.59
C PHE B 8 -13.28 -10.63 -17.82
N ALA B 9 -12.63 -10.54 -18.98
CA ALA B 9 -13.34 -10.26 -20.24
C ALA B 9 -14.39 -11.33 -20.54
N LYS B 10 -14.06 -12.58 -20.26
CA LYS B 10 -15.00 -13.69 -20.42
C LYS B 10 -16.21 -13.54 -19.50
N LEU B 11 -15.97 -13.12 -18.26
CA LEU B 11 -17.07 -12.90 -17.31
C LEU B 11 -17.97 -11.77 -17.79
N GLU B 12 -17.37 -10.70 -18.32
CA GLU B 12 -18.11 -9.58 -18.88
C GLU B 12 -19.02 -10.03 -20.03
N GLU B 13 -18.46 -10.83 -20.92
CA GLU B 13 -19.18 -11.41 -22.05
C GLU B 13 -20.35 -12.28 -21.55
N GLN B 14 -20.04 -13.25 -20.71
CA GLN B 14 -21.03 -14.20 -20.24
C GLN B 14 -22.19 -13.56 -19.46
N PHE B 15 -21.89 -12.61 -18.59
CA PHE B 15 -22.92 -11.93 -17.80
C PHE B 15 -23.43 -10.63 -18.42
N ASP B 16 -22.97 -10.31 -19.64
CA ASP B 16 -23.35 -9.06 -20.31
C ASP B 16 -23.24 -7.85 -19.38
N ALA B 17 -22.06 -7.68 -18.79
CA ALA B 17 -21.83 -6.61 -17.84
C ALA B 17 -20.40 -6.09 -17.93
N LYS B 18 -20.16 -4.96 -17.29
CA LYS B 18 -18.82 -4.38 -17.23
C LYS B 18 -18.31 -4.56 -15.81
N LEU B 19 -17.05 -4.97 -15.69
CA LEU B 19 -16.39 -5.18 -14.39
C LEU B 19 -15.34 -4.12 -14.10
N GLY B 20 -15.27 -3.68 -12.85
CA GLY B 20 -14.21 -2.79 -12.38
C GLY B 20 -13.56 -3.46 -11.19
N ILE B 21 -12.28 -3.77 -11.29
CA ILE B 21 -11.60 -4.55 -10.26
C ILE B 21 -10.29 -3.90 -9.82
N PHE B 22 -10.12 -3.78 -8.51
CA PHE B 22 -8.81 -3.46 -7.94
C PHE B 22 -8.59 -4.27 -6.69
N ALA B 23 -7.49 -5.03 -6.65
CA ALA B 23 -7.13 -5.83 -5.50
C ALA B 23 -5.66 -5.61 -5.17
N LEU B 24 -5.37 -5.44 -3.88
CA LEU B 24 -4.01 -5.22 -3.43
C LEU B 24 -3.67 -6.17 -2.27
N ASP B 25 -2.63 -6.98 -2.47
CA ASP B 25 -2.06 -7.74 -1.36
C ASP B 25 -1.14 -6.76 -0.63
N THR B 26 -1.52 -6.40 0.60
CA THR B 26 -0.80 -5.37 1.34
C THR B 26 0.56 -5.85 1.85
N GLY B 27 0.80 -7.16 1.78
CA GLY B 27 2.09 -7.73 2.19
C GLY B 27 3.14 -7.71 1.10
N THR B 28 2.70 -7.80 -0.15
CA THR B 28 3.61 -7.95 -1.28
C THR B 28 3.52 -6.82 -2.29
N ASN B 29 2.47 -6.00 -2.20
CA ASN B 29 2.18 -4.97 -3.20
C ASN B 29 1.89 -5.56 -4.59
N ARG B 30 1.50 -6.84 -4.64
CA ARG B 30 0.98 -7.42 -5.87
C ARG B 30 -0.47 -6.99 -6.03
N THR B 31 -0.84 -6.71 -7.28
CA THR B 31 -2.20 -6.25 -7.56
C THR B 31 -2.86 -7.06 -8.66
N VAL B 32 -4.18 -7.07 -8.63
CA VAL B 32 -4.98 -7.55 -9.75
C VAL B 32 -5.85 -6.37 -10.14
N THR B 33 -5.80 -5.99 -11.41
CA THR B 33 -6.59 -4.85 -11.87
C THR B 33 -7.30 -5.18 -13.17
N TYR B 34 -8.50 -4.62 -13.32
CA TYR B 34 -9.28 -4.73 -14.53
C TYR B 34 -10.23 -3.53 -14.57
N ARG B 35 -10.04 -2.65 -15.54
CA ARG B 35 -10.76 -1.36 -15.58
C ARG B 35 -10.72 -0.69 -14.19
N PRO B 36 -9.52 -0.61 -13.57
CA PRO B 36 -9.48 -0.17 -12.16
C PRO B 36 -9.86 1.30 -11.96
N ASP B 37 -9.79 2.09 -13.04
CA ASP B 37 -10.05 3.53 -12.97
C ASP B 37 -11.31 3.97 -13.72
N GLU B 38 -12.15 2.99 -14.07
CA GLU B 38 -13.42 3.28 -14.71
C GLU B 38 -14.46 3.59 -13.65
N ARG B 39 -15.25 4.64 -13.85
CA ARG B 39 -16.26 5.04 -12.86
C ARG B 39 -17.49 4.15 -12.84
N PHE B 40 -17.99 3.87 -11.64
CA PHE B 40 -19.25 3.17 -11.42
C PHE B 40 -20.01 3.92 -10.34
N ALA B 41 -21.35 3.87 -10.38
CA ALA B 41 -22.16 4.32 -9.24
C ALA B 41 -21.70 3.52 -8.03
N PHE B 42 -21.36 4.19 -6.92
CA PHE B 42 -20.89 3.43 -5.75
C PHE B 42 -22.03 2.76 -4.94
N ALA B 43 -23.25 3.29 -5.12
CA ALA B 43 -24.44 2.81 -4.40
C ALA B 43 -24.12 2.67 -2.91
N SER B 44 -24.58 1.61 -2.25
CA SER B 44 -24.48 1.50 -0.78
C SER B 44 -23.04 1.37 -0.27
N THR B 45 -22.08 1.16 -1.16
CA THR B 45 -20.69 0.99 -0.67
C THR B 45 -20.22 2.25 0.03
N ILE B 46 -20.84 3.40 -0.29
CA ILE B 46 -20.47 4.68 0.33
C ILE B 46 -20.71 4.65 1.85
N LYS B 47 -21.59 3.76 2.31
CA LYS B 47 -21.86 3.64 3.74
C LYS B 47 -20.62 3.29 4.56
N ALA B 48 -19.73 2.49 3.97
CA ALA B 48 -18.47 2.12 4.63
C ALA B 48 -17.59 3.34 4.84
N LEU B 49 -17.43 4.17 3.81
CA LEU B 49 -16.60 5.37 3.90
C LEU B 49 -17.25 6.43 4.78
N THR B 50 -18.58 6.45 4.78
CA THR B 50 -19.34 7.40 5.61
C THR B 50 -19.06 7.13 7.09
N VAL B 51 -19.09 5.85 7.48
CA VAL B 51 -18.75 5.48 8.86
C VAL B 51 -17.29 5.82 9.19
N GLY B 52 -16.40 5.61 8.21
CA GLY B 52 -15.00 6.00 8.34
C GLY B 52 -14.83 7.45 8.77
N VAL B 53 -15.56 8.35 8.10
CA VAL B 53 -15.51 9.77 8.44
C VAL B 53 -16.18 10.05 9.79
N LEU B 54 -17.31 9.40 10.08
CA LEU B 54 -17.95 9.51 11.40
C LEU B 54 -16.97 9.17 12.52
N LEU B 55 -16.18 8.13 12.32
CA LEU B 55 -15.20 7.69 13.32
C LEU B 55 -14.04 8.67 13.51
N GLN B 56 -13.65 9.38 12.45
CA GLN B 56 -12.64 10.44 12.56
C GLN B 56 -13.11 11.58 13.45
N GLN B 57 -14.43 11.79 13.46
CA GLN B 57 -15.03 12.99 14.05
C GLN B 57 -15.63 12.74 15.43
N LYS B 58 -15.96 11.49 15.73
CA LYS B 58 -16.60 11.13 17.00
C LYS B 58 -15.71 10.23 17.84
N SER B 59 -15.60 10.53 19.13
CA SER B 59 -14.92 9.64 20.06
C SER B 59 -15.77 8.39 20.28
N ILE B 60 -15.18 7.34 20.83
CA ILE B 60 -15.92 6.10 21.09
C ILE B 60 -17.09 6.35 22.04
N GLU B 61 -16.92 7.31 22.96
CA GLU B 61 -17.97 7.74 23.87
C GLU B 61 -19.06 8.50 23.13
N ASP B 62 -18.66 9.30 22.14
CA ASP B 62 -19.60 10.08 21.33
C ASP B 62 -20.61 9.21 20.58
N LEU B 63 -20.20 8.00 20.23
CA LEU B 63 -21.07 7.07 19.50
C LEU B 63 -22.24 6.56 20.34
N ASN B 64 -22.19 6.82 21.64
CA ASN B 64 -23.27 6.43 22.55
C ASN B 64 -24.39 7.47 22.61
N GLN B 65 -24.15 8.62 21.99
CA GLN B 65 -25.15 9.68 21.84
C GLN B 65 -26.43 9.14 21.19
N ARG B 66 -27.56 9.38 21.85
CA ARG B 66 -28.86 8.94 21.39
C ARG B 66 -29.38 9.88 20.31
N ILE B 67 -29.74 9.32 19.16
CA ILE B 67 -30.30 10.09 18.05
C ILE B 67 -31.80 9.79 17.94
N THR B 68 -32.61 10.85 17.98
CA THR B 68 -34.05 10.72 17.80
C THR B 68 -34.44 11.02 16.34
N TYR B 69 -35.35 10.23 15.81
CA TYR B 69 -35.88 10.44 14.45
C TYR B 69 -37.38 10.10 14.41
N THR B 70 -38.06 10.67 13.41
CA THR B 70 -39.50 10.47 13.23
C THR B 70 -39.77 9.42 12.16
N ARG B 71 -41.05 9.10 11.94
CA ARG B 71 -41.46 8.22 10.85
C ARG B 71 -41.24 8.89 9.49
N ASP B 72 -41.25 10.23 9.51
CA ASP B 72 -41.00 11.05 8.32
C ASP B 72 -39.51 11.11 7.95
N ASP B 73 -38.65 10.59 8.83
CA ASP B 73 -37.22 10.48 8.53
C ASP B 73 -36.92 9.19 7.78
N LEU B 74 -37.82 8.22 7.87
CA LEU B 74 -37.65 6.94 7.20
C LEU B 74 -37.71 7.09 5.69
N VAL B 75 -36.81 6.40 5.00
CA VAL B 75 -36.84 6.39 3.53
C VAL B 75 -37.37 5.04 3.02
N ASN B 76 -36.73 4.48 1.99
CA ASN B 76 -37.27 3.32 1.27
C ASN B 76 -36.81 1.95 1.79
N TYR B 77 -35.79 1.95 2.65
CA TYR B 77 -35.15 0.69 3.05
C TYR B 77 -34.59 0.85 4.46
N ASN B 78 -35.40 0.47 5.44
CA ASN B 78 -35.13 0.77 6.85
C ASN B 78 -35.26 -0.48 7.74
N PRO B 79 -34.52 -1.56 7.42
CA PRO B 79 -34.73 -2.84 8.13
C PRO B 79 -34.58 -2.75 9.64
N ILE B 80 -33.68 -1.89 10.11
CA ILE B 80 -33.42 -1.73 11.54
C ILE B 80 -34.06 -0.46 12.09
N THR B 81 -34.00 0.63 11.32
CA THR B 81 -34.52 1.93 11.77
C THR B 81 -36.05 1.97 11.91
N GLU B 82 -36.75 1.18 11.08
CA GLU B 82 -38.23 1.15 11.10
C GLU B 82 -38.78 0.66 12.44
N LYS B 83 -37.97 -0.12 13.16
CA LYS B 83 -38.42 -0.71 14.42
C LYS B 83 -37.94 0.04 15.67
N HIS B 84 -37.16 1.11 15.47
CA HIS B 84 -36.68 1.93 16.59
C HIS B 84 -37.10 3.40 16.47
N VAL B 85 -38.30 3.58 15.77
CA VAL B 85 -38.78 4.92 15.41
C VAL B 85 -39.31 5.71 16.62
N ASP B 86 -39.70 5.00 17.68
CA ASP B 86 -40.21 5.62 18.91
C ASP B 86 -39.13 5.79 19.98
N THR B 87 -38.27 4.77 20.10
CA THR B 87 -37.23 4.75 21.13
C THR B 87 -35.94 5.47 20.73
N GLY B 88 -35.75 5.66 19.43
CA GLY B 88 -34.50 6.22 18.91
C GLY B 88 -33.38 5.20 18.88
N MET B 89 -32.23 5.61 18.36
CA MET B 89 -31.05 4.74 18.24
C MET B 89 -29.78 5.53 18.53
N THR B 90 -28.76 4.86 19.07
CA THR B 90 -27.45 5.48 19.28
C THR B 90 -26.71 5.56 17.94
N LEU B 91 -25.67 6.39 17.90
CA LEU B 91 -24.81 6.49 16.70
C LEU B 91 -24.13 5.14 16.40
N LYS B 92 -23.72 4.45 17.46
CA LYS B 92 -23.17 3.09 17.35
C LYS B 92 -24.16 2.19 16.61
N GLU B 93 -25.38 2.11 17.13
CA GLU B 93 -26.45 1.30 16.52
C GLU B 93 -26.79 1.68 15.07
N LEU B 94 -26.76 2.98 14.77
CA LEU B 94 -26.98 3.46 13.40
C LEU B 94 -25.85 2.99 12.47
N ALA B 95 -24.61 3.04 12.95
CA ALA B 95 -23.47 2.59 12.14
C ALA B 95 -23.53 1.07 11.94
N ASP B 96 -23.99 0.35 12.97
CA ASP B 96 -24.19 -1.09 12.87
C ASP B 96 -25.26 -1.39 11.80
N ALA B 97 -26.40 -0.74 11.91
CA ALA B 97 -27.52 -0.91 10.97
C ALA B 97 -27.12 -0.56 9.54
N SER B 98 -26.46 0.59 9.37
CA SER B 98 -25.97 1.03 8.07
C SER B 98 -25.02 0.01 7.42
N LEU B 99 -24.04 -0.45 8.17
CA LEU B 99 -23.00 -1.32 7.62
C LEU B 99 -23.45 -2.77 7.45
N ARG B 100 -24.18 -3.29 8.43
CA ARG B 100 -24.56 -4.72 8.41
C ARG B 100 -25.86 -5.01 7.68
N TYR B 101 -26.75 -4.03 7.56
CA TYR B 101 -28.04 -4.21 6.91
C TYR B 101 -28.28 -3.27 5.72
N SER B 102 -27.33 -2.37 5.48
CA SER B 102 -27.45 -1.35 4.42
C SER B 102 -28.69 -0.48 4.64
N ASP B 103 -29.04 -0.24 5.92
CA ASP B 103 -30.17 0.58 6.33
C ASP B 103 -29.99 2.01 5.82
N ASN B 104 -30.92 2.46 4.97
CA ASN B 104 -30.80 3.74 4.25
C ASN B 104 -31.05 4.95 5.14
N THR B 105 -31.97 4.81 6.10
CA THR B 105 -32.24 5.88 7.05
C THR B 105 -31.00 6.09 7.94
N ALA B 106 -30.44 4.98 8.41
CA ALA B 106 -29.23 5.01 9.24
C ALA B 106 -28.08 5.75 8.53
N GLN B 107 -27.85 5.43 7.25
CA GLN B 107 -26.86 6.16 6.46
C GLN B 107 -27.17 7.65 6.38
N ASN B 108 -28.42 8.00 6.11
CA ASN B 108 -28.85 9.40 6.06
C ASN B 108 -28.63 10.14 7.38
N LEU B 109 -29.03 9.52 8.49
CA LEU B 109 -28.81 10.12 9.81
C LEU B 109 -27.32 10.34 10.08
N ILE B 110 -26.50 9.35 9.76
CA ILE B 110 -25.04 9.46 9.93
C ILE B 110 -24.48 10.53 8.99
N LEU B 111 -24.98 10.58 7.76
CA LEU B 111 -24.55 11.59 6.79
C LEU B 111 -24.81 13.01 7.33
N LYS B 112 -25.97 13.22 7.94
CA LYS B 112 -26.30 14.53 8.52
C LYS B 112 -25.36 14.90 9.67
N GLN B 113 -24.89 13.87 10.39
CA GLN B 113 -23.98 14.05 11.53
C GLN B 113 -22.60 14.57 11.12
N ILE B 114 -22.15 14.21 9.93
CA ILE B 114 -20.83 14.62 9.44
C ILE B 114 -20.89 15.82 8.49
N GLY B 115 -22.07 16.39 8.32
CA GLY B 115 -22.24 17.61 7.53
C GLY B 115 -22.74 17.43 6.11
N GLY B 116 -23.21 16.21 5.80
CA GLY B 116 -23.80 15.91 4.50
C GLY B 116 -22.79 15.54 3.42
N PRO B 117 -23.29 15.23 2.20
CA PRO B 117 -22.47 14.74 1.07
C PRO B 117 -21.26 15.63 0.75
N GLU B 118 -21.46 16.95 0.70
CA GLU B 118 -20.40 17.93 0.42
C GLU B 118 -19.21 17.76 1.36
N SER B 119 -19.51 17.69 2.66
CA SER B 119 -18.50 17.52 3.69
C SER B 119 -17.84 16.13 3.62
N LEU B 120 -18.63 15.09 3.37
CA LEU B 120 -18.07 13.76 3.16
C LEU B 120 -17.02 13.79 2.05
N LYS B 121 -17.36 14.44 0.93
CA LYS B 121 -16.44 14.61 -0.19
C LYS B 121 -15.15 15.32 0.24
N LYS B 122 -15.29 16.40 0.99
CA LYS B 122 -14.13 17.17 1.44
C LYS B 122 -13.22 16.32 2.32
N GLU B 123 -13.82 15.48 3.17
CA GLU B 123 -13.07 14.63 4.09
C GLU B 123 -12.36 13.50 3.35
N LEU B 124 -12.99 12.99 2.29
CA LEU B 124 -12.35 12.00 1.45
C LEU B 124 -11.17 12.63 0.69
N ARG B 125 -11.35 13.85 0.18
CA ARG B 125 -10.27 14.55 -0.51
C ARG B 125 -9.04 14.73 0.38
N LYS B 126 -9.28 14.97 1.66
CA LYS B 126 -8.23 15.15 2.66
C LYS B 126 -7.38 13.90 2.91
N ILE B 127 -7.97 12.72 2.70
CA ILE B 127 -7.23 11.47 2.88
C ILE B 127 -6.60 10.97 1.57
N GLY B 128 -6.72 11.80 0.52
CA GLY B 128 -6.09 11.50 -0.76
C GLY B 128 -6.99 10.86 -1.79
N ASP B 129 -8.28 10.74 -1.48
CA ASP B 129 -9.25 10.23 -2.45
C ASP B 129 -9.76 11.41 -3.27
N GLU B 130 -9.24 11.57 -4.49
CA GLU B 130 -9.66 12.67 -5.36
C GLU B 130 -10.72 12.23 -6.37
N VAL B 131 -11.28 11.04 -6.16
CA VAL B 131 -12.15 10.41 -7.15
C VAL B 131 -13.59 10.26 -6.67
N THR B 132 -13.78 9.68 -5.49
CA THR B 132 -15.12 9.43 -4.97
C THR B 132 -15.91 10.74 -4.89
N ASN B 133 -17.12 10.74 -5.44
CA ASN B 133 -17.87 12.00 -5.64
C ASN B 133 -19.29 11.99 -5.05
N PRO B 134 -19.40 12.01 -3.72
CA PRO B 134 -20.74 11.93 -3.12
C PRO B 134 -21.49 13.25 -3.31
N GLU B 135 -22.75 13.15 -3.73
CA GLU B 135 -23.61 14.32 -3.92
C GLU B 135 -24.97 14.20 -3.24
N ARG B 136 -25.42 12.96 -3.02
CA ARG B 136 -26.80 12.74 -2.57
C ARG B 136 -26.96 11.80 -1.36
N PHE B 137 -28.17 11.85 -0.80
CA PHE B 137 -28.59 10.92 0.25
C PHE B 137 -29.12 9.63 -0.37
N GLU B 138 -29.43 8.67 0.50
CA GLU B 138 -30.12 7.45 0.09
C GLU B 138 -31.62 7.68 0.03
N PRO B 139 -32.31 7.05 -0.96
CA PRO B 139 -31.79 6.19 -2.03
C PRO B 139 -31.47 6.93 -3.33
N GLU B 140 -31.58 8.26 -3.33
CA GLU B 140 -31.39 9.05 -4.56
C GLU B 140 -30.01 8.82 -5.18
N LEU B 141 -29.02 8.57 -4.35
CA LEU B 141 -27.65 8.33 -4.82
C LEU B 141 -27.51 7.11 -5.74
N ASN B 142 -28.48 6.19 -5.66
CA ASN B 142 -28.44 4.93 -6.42
C ASN B 142 -28.58 5.12 -7.92
N GLU B 143 -29.17 6.24 -8.32
CA GLU B 143 -29.57 6.48 -9.69
C GLU B 143 -28.54 7.37 -10.38
N VAL B 144 -27.65 6.73 -11.13
CA VAL B 144 -26.60 7.41 -11.88
C VAL B 144 -26.69 6.94 -13.34
N ASN B 145 -26.70 7.90 -14.27
CA ASN B 145 -26.76 7.59 -15.71
C ASN B 145 -25.35 7.48 -16.31
N PRO B 146 -25.17 6.67 -17.38
CA PRO B 146 -23.82 6.51 -17.92
C PRO B 146 -23.23 7.85 -18.34
N GLY B 147 -21.97 8.07 -18.02
CA GLY B 147 -21.31 9.33 -18.34
C GLY B 147 -21.27 10.29 -17.16
N GLU B 148 -22.24 10.16 -16.25
CA GLU B 148 -22.32 11.03 -15.07
C GLU B 148 -21.29 10.66 -14.03
N THR B 149 -20.80 11.65 -13.27
CA THR B 149 -19.87 11.37 -12.17
C THR B 149 -20.49 11.50 -10.77
N GLN B 150 -21.70 12.08 -10.66
CA GLN B 150 -22.37 12.18 -9.36
C GLN B 150 -22.46 10.80 -8.70
N ASP B 151 -22.08 10.73 -7.43
CA ASP B 151 -22.20 9.49 -6.66
C ASP B 151 -21.50 8.29 -7.32
N THR B 152 -20.36 8.57 -7.95
CA THR B 152 -19.52 7.53 -8.51
C THR B 152 -18.15 7.49 -7.87
N SER B 153 -17.48 6.36 -8.05
CA SER B 153 -16.07 6.25 -7.76
C SER B 153 -15.48 5.18 -8.66
N THR B 154 -14.25 4.75 -8.35
CA THR B 154 -13.60 3.68 -9.11
C THR B 154 -13.21 2.55 -8.16
N ALA B 155 -12.90 1.38 -8.71
CA ALA B 155 -12.45 0.26 -7.90
C ALA B 155 -11.19 0.65 -7.14
N ARG B 156 -10.27 1.31 -7.83
CA ARG B 156 -9.01 1.74 -7.19
C ARG B 156 -9.29 2.68 -6.03
N ALA B 157 -10.15 3.69 -6.24
CA ALA B 157 -10.38 4.70 -5.21
C ALA B 157 -11.16 4.18 -4.02
N LEU B 158 -12.20 3.38 -4.27
CA LEU B 158 -12.97 2.77 -3.18
C LEU B 158 -12.11 1.83 -2.34
N ALA B 159 -11.30 0.99 -3.00
CA ALA B 159 -10.38 0.09 -2.30
C ALA B 159 -9.39 0.86 -1.42
N THR B 160 -8.78 1.90 -2.02
CA THR B 160 -7.78 2.71 -1.34
C THR B 160 -8.36 3.46 -0.13
N SER B 161 -9.57 4.01 -0.28
CA SER B 161 -10.22 4.68 0.85
C SER B 161 -10.62 3.72 1.96
N LEU B 162 -11.11 2.53 1.57
CA LEU B 162 -11.41 1.50 2.57
C LEU B 162 -10.14 1.10 3.32
N GLN B 163 -9.07 0.87 2.57
CA GLN B 163 -7.75 0.58 3.13
C GLN B 163 -7.29 1.68 4.09
N ALA B 164 -7.47 2.93 3.69
CA ALA B 164 -7.07 4.09 4.50
C ALA B 164 -7.73 4.10 5.88
N PHE B 165 -9.04 3.84 5.93
CA PHE B 165 -9.77 3.81 7.20
C PHE B 165 -9.55 2.53 8.01
N ALA B 166 -9.50 1.40 7.33
CA ALA B 166 -9.49 0.09 7.99
C ALA B 166 -8.10 -0.43 8.35
N LEU B 167 -7.09 -0.07 7.56
CA LEU B 167 -5.77 -0.67 7.69
C LEU B 167 -4.63 0.32 7.92
N GLU B 168 -4.82 1.57 7.50
CA GLU B 168 -3.76 2.57 7.59
C GLU B 168 -3.86 3.38 8.88
N ASP B 169 -3.33 4.60 8.85
CA ASP B 169 -3.14 5.46 10.01
C ASP B 169 -4.31 6.42 10.27
N LYS B 170 -5.26 6.48 9.33
CA LYS B 170 -6.36 7.47 9.37
C LYS B 170 -7.24 7.41 10.62
N LEU B 171 -7.36 6.21 11.21
CA LEU B 171 -8.12 6.02 12.44
C LEU B 171 -7.27 5.34 13.50
N PRO B 172 -7.49 5.70 14.79
CA PRO B 172 -6.82 4.98 15.88
C PRO B 172 -7.28 3.53 15.98
N SER B 173 -6.40 2.67 16.50
CA SER B 173 -6.59 1.22 16.61
C SER B 173 -8.01 0.76 17.01
N GLU B 174 -8.57 1.38 18.04
CA GLU B 174 -9.88 1.00 18.59
C GLU B 174 -11.02 1.24 17.60
N LYS B 175 -10.97 2.38 16.92
CA LYS B 175 -11.99 2.74 15.93
C LYS B 175 -11.81 1.90 14.66
N ARG B 176 -10.55 1.65 14.33
CA ARG B 176 -10.17 0.79 13.22
C ARG B 176 -10.77 -0.62 13.40
N GLU B 177 -10.70 -1.13 14.63
CA GLU B 177 -11.24 -2.45 14.95
C GLU B 177 -12.78 -2.47 15.01
N LEU B 178 -13.38 -1.34 15.37
CA LEU B 178 -14.85 -1.20 15.33
C LEU B 178 -15.36 -1.34 13.90
N LEU B 179 -14.77 -0.56 13.00
CA LEU B 179 -15.13 -0.60 11.58
C LEU B 179 -15.00 -2.00 11.00
N ILE B 180 -13.85 -2.65 11.27
CA ILE B 180 -13.60 -4.01 10.78
C ILE B 180 -14.62 -5.03 11.31
N ASP B 181 -14.95 -4.94 12.60
CA ASP B 181 -15.92 -5.83 13.25
C ASP B 181 -17.31 -5.70 12.64
N TRP B 182 -17.78 -4.46 12.44
CA TRP B 182 -19.05 -4.24 11.77
C TRP B 182 -19.06 -4.89 10.39
N MET B 183 -18.00 -4.65 9.61
CA MET B 183 -17.93 -5.14 8.24
C MET B 183 -17.76 -6.66 8.17
N LYS B 184 -16.98 -7.22 9.09
CA LYS B 184 -16.88 -8.68 9.20
C LYS B 184 -18.26 -9.32 9.41
N ARG B 185 -19.11 -8.66 10.18
CA ARG B 185 -20.43 -9.19 10.53
C ARG B 185 -21.55 -8.73 9.59
N ASN B 186 -21.18 -8.21 8.41
CA ASN B 186 -22.19 -7.83 7.42
C ASN B 186 -23.11 -8.99 7.06
N THR B 187 -24.40 -8.70 6.88
CA THR B 187 -25.40 -9.73 6.57
C THR B 187 -25.78 -9.84 5.09
N THR B 188 -25.39 -8.83 4.30
CA THR B 188 -25.90 -8.66 2.95
C THR B 188 -24.99 -9.20 1.84
N GLY B 189 -23.82 -9.72 2.20
CA GLY B 189 -22.80 -10.06 1.21
C GLY B 189 -22.44 -11.52 1.02
N ASP B 190 -23.31 -12.42 1.49
CA ASP B 190 -23.03 -13.85 1.45
C ASP B 190 -22.80 -14.40 0.04
N ALA B 191 -23.41 -13.76 -0.95
CA ALA B 191 -23.35 -14.27 -2.33
C ALA B 191 -22.29 -13.58 -3.19
N LEU B 192 -21.52 -12.69 -2.59
CA LEU B 192 -20.63 -11.81 -3.35
C LEU B 192 -19.16 -12.19 -3.11
N ILE B 193 -18.32 -11.28 -2.62
CA ILE B 193 -16.93 -11.64 -2.35
C ILE B 193 -16.83 -12.88 -1.43
N ARG B 194 -17.70 -12.96 -0.41
CA ARG B 194 -17.69 -14.10 0.53
C ARG B 194 -17.88 -15.45 -0.18
N ALA B 195 -18.68 -15.44 -1.25
CA ALA B 195 -18.92 -16.65 -2.03
C ALA B 195 -17.77 -17.01 -2.97
N GLY B 196 -16.77 -16.13 -3.10
CA GLY B 196 -15.65 -16.33 -4.01
C GLY B 196 -14.27 -16.50 -3.39
N VAL B 197 -14.20 -16.56 -2.06
CA VAL B 197 -12.94 -16.82 -1.37
C VAL B 197 -12.91 -18.25 -0.83
N PRO B 198 -11.71 -18.81 -0.64
CA PRO B 198 -11.61 -20.17 -0.09
C PRO B 198 -12.04 -20.26 1.38
N GLU B 199 -12.26 -21.48 1.85
CA GLU B 199 -12.58 -21.72 3.25
C GLU B 199 -11.44 -21.17 4.11
N GLY B 200 -11.79 -20.60 5.26
CA GLY B 200 -10.79 -20.08 6.20
C GLY B 200 -10.32 -18.66 5.94
N TRP B 201 -10.82 -18.06 4.86
CA TRP B 201 -10.55 -16.65 4.57
C TRP B 201 -11.58 -15.79 5.29
N GLU B 202 -11.11 -14.81 6.05
CA GLU B 202 -11.99 -13.89 6.75
C GLU B 202 -12.31 -12.73 5.83
N VAL B 203 -13.59 -12.32 5.81
CA VAL B 203 -14.06 -11.24 4.95
C VAL B 203 -14.79 -10.15 5.75
N ALA B 204 -14.39 -8.90 5.51
CA ALA B 204 -15.12 -7.73 5.95
C ALA B 204 -15.55 -6.94 4.71
N ASP B 205 -16.85 -6.89 4.44
CA ASP B 205 -17.32 -6.30 3.18
C ASP B 205 -18.47 -5.33 3.35
N LYS B 206 -18.66 -4.47 2.36
CA LYS B 206 -19.89 -3.69 2.20
C LYS B 206 -20.36 -3.79 0.76
N THR B 207 -21.63 -4.16 0.59
CA THR B 207 -22.28 -4.36 -0.72
C THR B 207 -22.91 -3.07 -1.25
N GLY B 208 -23.25 -3.06 -2.54
CA GLY B 208 -24.09 -2.02 -3.13
C GLY B 208 -24.87 -2.56 -4.31
N ALA B 209 -25.99 -1.93 -4.62
CA ALA B 209 -26.79 -2.24 -5.80
C ALA B 209 -27.39 -0.92 -6.25
N GLY B 210 -27.33 -0.64 -7.54
CA GLY B 210 -27.81 0.63 -8.07
C GLY B 210 -28.44 0.50 -9.44
N SER B 211 -28.77 1.63 -10.04
CA SER B 211 -29.38 1.62 -11.38
C SER B 211 -28.38 1.10 -12.41
N TYR B 212 -28.87 0.82 -13.62
CA TYR B 212 -28.06 0.21 -14.68
C TYR B 212 -27.42 -1.11 -14.26
N GLY B 213 -28.15 -1.89 -13.46
CA GLY B 213 -27.68 -3.21 -13.02
C GLY B 213 -26.36 -3.14 -12.26
N THR B 214 -26.14 -2.05 -11.55
CA THR B 214 -24.90 -1.88 -10.76
C THR B 214 -24.91 -2.83 -9.56
N ARG B 215 -23.83 -3.59 -9.40
CA ARG B 215 -23.73 -4.54 -8.30
C ARG B 215 -22.27 -4.53 -7.83
N ASN B 216 -22.07 -4.13 -6.59
CA ASN B 216 -20.73 -3.83 -6.06
C ASN B 216 -20.48 -4.54 -4.75
N ASP B 217 -19.21 -4.83 -4.46
CA ASP B 217 -18.82 -5.26 -3.13
C ASP B 217 -17.39 -4.80 -2.91
N ILE B 218 -17.16 -4.16 -1.79
CA ILE B 218 -15.80 -3.77 -1.39
C ILE B 218 -15.45 -4.46 -0.08
N ALA B 219 -14.18 -4.84 0.08
CA ALA B 219 -13.83 -5.72 1.16
C ALA B 219 -12.38 -5.65 1.58
N ILE B 220 -12.13 -6.03 2.83
CA ILE B 220 -10.82 -6.47 3.27
C ILE B 220 -10.95 -7.96 3.52
N ILE B 221 -10.02 -8.74 2.95
CA ILE B 221 -10.01 -10.18 3.15
C ILE B 221 -8.67 -10.63 3.71
N TRP B 222 -8.71 -11.59 4.65
CA TRP B 222 -7.50 -12.11 5.28
C TRP B 222 -7.39 -13.61 4.95
N PRO B 223 -6.30 -14.02 4.28
CA PRO B 223 -6.06 -15.47 4.17
C PRO B 223 -5.72 -16.04 5.54
N PRO B 224 -5.63 -17.36 5.68
CA PRO B 224 -5.25 -17.97 6.95
C PRO B 224 -3.91 -17.45 7.48
N LYS B 225 -2.92 -17.31 6.60
CA LYS B 225 -1.65 -16.70 6.94
C LYS B 225 -1.31 -15.57 5.97
N GLY B 226 -0.76 -14.49 6.51
CA GLY B 226 -0.32 -13.37 5.69
C GLY B 226 -1.14 -12.10 5.85
N ASP B 227 -0.67 -11.05 5.21
CA ASP B 227 -1.30 -9.73 5.30
C ASP B 227 -2.63 -9.71 4.55
N PRO B 228 -3.54 -8.80 4.96
CA PRO B 228 -4.82 -8.68 4.28
C PRO B 228 -4.73 -8.21 2.82
N VAL B 229 -5.75 -8.59 2.05
CA VAL B 229 -5.95 -8.14 0.70
C VAL B 229 -7.13 -7.17 0.71
N VAL B 230 -6.92 -6.00 0.12
CA VAL B 230 -7.98 -5.01 -0.08
C VAL B 230 -8.55 -5.20 -1.47
N LEU B 231 -9.88 -5.25 -1.59
CA LEU B 231 -10.51 -5.60 -2.86
C LEU B 231 -11.75 -4.75 -3.09
N ALA B 232 -11.87 -4.19 -4.31
CA ALA B 232 -13.16 -3.66 -4.79
C ALA B 232 -13.55 -4.39 -6.06
N VAL B 233 -14.79 -4.91 -6.10
CA VAL B 233 -15.34 -5.54 -7.31
C VAL B 233 -16.64 -4.78 -7.61
N LEU B 234 -16.60 -4.00 -8.68
CA LEU B 234 -17.75 -3.19 -9.14
C LEU B 234 -18.28 -3.73 -10.45
N SER B 235 -19.56 -3.51 -10.73
CA SER B 235 -20.10 -3.95 -12.02
C SER B 235 -21.29 -3.09 -12.40
N SER B 236 -21.54 -3.00 -13.70
CA SER B 236 -22.73 -2.32 -14.20
C SER B 236 -23.06 -2.83 -15.60
N ARG B 237 -24.22 -2.42 -16.10
CA ARG B 237 -24.73 -2.91 -17.38
C ARG B 237 -25.29 -1.75 -18.22
N ASP B 238 -25.74 -2.03 -19.44
CA ASP B 238 -26.06 -0.99 -20.43
C ASP B 238 -27.44 -0.35 -20.29
N LYS B 239 -28.39 -1.09 -19.71
CA LYS B 239 -29.78 -0.66 -19.67
C LYS B 239 -30.19 -0.24 -18.27
N LYS B 240 -30.93 0.87 -18.17
CA LYS B 240 -31.29 1.45 -16.86
C LYS B 240 -31.93 0.45 -15.88
N ASP B 241 -32.84 -0.38 -16.39
CA ASP B 241 -33.58 -1.33 -15.56
C ASP B 241 -32.95 -2.72 -15.51
N ALA B 242 -31.69 -2.82 -15.93
CA ALA B 242 -31.01 -4.12 -16.02
C ALA B 242 -30.95 -4.81 -14.68
N LYS B 243 -31.06 -6.14 -14.70
CA LYS B 243 -30.89 -6.94 -13.49
C LYS B 243 -29.43 -7.36 -13.35
N TYR B 244 -28.96 -7.49 -12.12
CA TYR B 244 -27.63 -8.02 -11.86
C TYR B 244 -27.72 -9.46 -11.42
N ASP B 245 -26.58 -10.15 -11.47
CA ASP B 245 -26.46 -11.50 -10.94
C ASP B 245 -25.25 -11.49 -10.02
N ASP B 246 -25.48 -11.79 -8.73
CA ASP B 246 -24.42 -11.86 -7.72
C ASP B 246 -23.27 -12.76 -8.16
N LYS B 247 -23.57 -13.76 -8.99
CA LYS B 247 -22.54 -14.73 -9.39
C LYS B 247 -21.38 -14.09 -10.17
N LEU B 248 -21.65 -13.00 -10.88
CA LEU B 248 -20.59 -12.25 -11.54
C LEU B 248 -19.51 -11.83 -10.53
N ILE B 249 -19.96 -11.33 -9.38
CA ILE B 249 -19.04 -10.81 -8.36
C ILE B 249 -18.29 -11.97 -7.69
N ALA B 250 -19.02 -13.04 -7.37
CA ALA B 250 -18.40 -14.24 -6.79
C ALA B 250 -17.34 -14.83 -7.70
N GLU B 251 -17.64 -14.93 -9.00
CA GLU B 251 -16.68 -15.48 -9.97
C GLU B 251 -15.49 -14.55 -10.19
N ALA B 252 -15.74 -13.24 -10.24
CA ALA B 252 -14.67 -12.25 -10.35
C ALA B 252 -13.70 -12.40 -9.19
N THR B 253 -14.25 -12.58 -7.99
CA THR B 253 -13.46 -12.77 -6.78
C THR B 253 -12.58 -14.03 -6.87
N LYS B 254 -13.14 -15.13 -7.36
CA LYS B 254 -12.37 -16.37 -7.56
C LYS B 254 -11.15 -16.13 -8.47
N VAL B 255 -11.34 -15.33 -9.51
CA VAL B 255 -10.25 -15.00 -10.45
C VAL B 255 -9.18 -14.19 -9.73
N VAL B 256 -9.60 -13.17 -8.96
CA VAL B 256 -8.66 -12.36 -8.19
C VAL B 256 -7.80 -13.23 -7.28
N VAL B 257 -8.46 -14.13 -6.48
CA VAL B 257 -7.77 -15.04 -5.54
C VAL B 257 -6.74 -15.90 -6.26
N LYS B 258 -7.12 -16.49 -7.41
CA LYS B 258 -6.20 -17.35 -8.19
C LYS B 258 -4.99 -16.56 -8.67
N ALA B 259 -5.24 -15.34 -9.15
CA ALA B 259 -4.17 -14.48 -9.66
C ALA B 259 -3.18 -14.10 -8.55
N LEU B 260 -3.72 -13.79 -7.37
CA LEU B 260 -2.91 -13.52 -6.19
C LEU B 260 -2.21 -14.77 -5.67
N ASN B 261 -1.27 -14.68 -4.87
#